data_1ONL
#
_entry.id   1ONL
#
_cell.length_a   55.775
_cell.length_b   55.775
_cell.length_c   191.190
_cell.angle_alpha   90.00
_cell.angle_beta   90.00
_cell.angle_gamma   120.00
#
_symmetry.space_group_name_H-M   'P 65'
#
loop_
_entity.id
_entity.type
_entity.pdbx_description
1 polymer 'glycine cleavage system H protein'
2 water water
#
_entity_poly.entity_id   1
_entity_poly.type   'polypeptide(L)'
_entity_poly.pdbx_seq_one_letter_code
;MDIPKDRFYTKTHEWALPEGDTVLVGITDYAQDALGDVVYVELPEVGRVVEKGEAVAVVESVKTASDIYAPVAGEIVEVN
LALEKTPELVNQDPYGEGWIFRLKPRDMGDLDELLDAGGYQEVLESEA
;
_entity_poly.pdbx_strand_id   A,B,C
#
# COMPACT_ATOMS: atom_id res chain seq x y z
N ASP A 2 -14.99 10.53 -3.98
CA ASP A 2 -14.45 11.50 -4.97
C ASP A 2 -14.19 10.81 -6.31
N ILE A 3 -15.10 11.03 -7.26
CA ILE A 3 -15.03 10.42 -8.59
C ILE A 3 -15.41 11.43 -9.67
N PRO A 4 -14.46 12.28 -10.08
CA PRO A 4 -14.76 13.27 -11.13
C PRO A 4 -15.31 12.58 -12.39
N LYS A 5 -16.28 13.23 -13.05
CA LYS A 5 -16.91 12.67 -14.25
C LYS A 5 -16.31 13.17 -15.56
N ASP A 6 -15.05 13.56 -15.51
CA ASP A 6 -14.38 14.07 -16.70
C ASP A 6 -13.40 13.06 -17.29
N ARG A 7 -13.55 11.81 -16.89
CA ARG A 7 -12.65 10.76 -17.38
C ARG A 7 -13.23 9.35 -17.30
N PHE A 8 -12.57 8.42 -17.96
CA PHE A 8 -12.98 7.02 -17.95
C PHE A 8 -12.36 6.36 -16.72
N TYR A 9 -12.92 5.23 -16.31
CA TYR A 9 -12.42 4.52 -15.15
C TYR A 9 -12.21 3.03 -15.42
N THR A 10 -11.45 2.41 -14.53
CA THR A 10 -11.11 1.01 -14.67
C THR A 10 -11.48 0.22 -13.41
N LYS A 11 -11.81 -1.05 -13.57
CA LYS A 11 -12.16 -1.88 -12.41
C LYS A 11 -10.93 -2.03 -11.52
N THR A 12 -9.76 -1.80 -12.10
CA THR A 12 -8.52 -1.88 -11.34
C THR A 12 -8.19 -0.52 -10.72
N HIS A 13 -9.23 0.26 -10.47
CA HIS A 13 -9.09 1.58 -9.85
C HIS A 13 -8.06 2.48 -10.50
N GLU A 14 -8.27 2.76 -11.78
CA GLU A 14 -7.42 3.62 -12.58
C GLU A 14 -8.31 4.52 -13.40
N TRP A 15 -7.75 5.60 -13.92
CA TRP A 15 -8.52 6.53 -14.73
C TRP A 15 -7.77 6.91 -15.99
N ALA A 16 -8.53 7.31 -17.01
CA ALA A 16 -7.96 7.72 -18.29
C ALA A 16 -8.60 9.03 -18.71
N LEU A 17 -7.81 10.09 -18.67
CA LEU A 17 -8.28 11.42 -19.03
C LEU A 17 -8.10 11.69 -20.52
N PRO A 18 -9.19 11.64 -21.31
CA PRO A 18 -9.06 11.90 -22.75
C PRO A 18 -8.59 13.33 -23.03
N GLU A 19 -7.65 13.44 -23.96
CA GLU A 19 -7.08 14.72 -24.37
C GLU A 19 -6.58 14.56 -25.80
N GLY A 20 -7.45 14.86 -26.76
CA GLY A 20 -7.05 14.70 -28.15
C GLY A 20 -6.99 13.22 -28.42
N ASP A 21 -6.00 12.78 -29.20
CA ASP A 21 -5.90 11.35 -29.50
C ASP A 21 -5.15 10.57 -28.43
N THR A 22 -5.10 11.11 -27.22
CA THR A 22 -4.42 10.44 -26.10
C THR A 22 -5.25 10.47 -24.81
N VAL A 23 -4.70 9.85 -23.76
CA VAL A 23 -5.37 9.83 -22.47
C VAL A 23 -4.35 9.85 -21.35
N LEU A 24 -4.59 10.68 -20.34
CA LEU A 24 -3.69 10.72 -19.19
C LEU A 24 -4.13 9.55 -18.34
N VAL A 25 -3.20 8.96 -17.60
CA VAL A 25 -3.50 7.81 -16.76
C VAL A 25 -3.00 7.97 -15.33
N GLY A 26 -3.82 7.60 -14.37
CA GLY A 26 -3.44 7.70 -12.97
C GLY A 26 -4.34 6.82 -12.13
N ILE A 27 -4.12 6.81 -10.82
CA ILE A 27 -4.97 5.99 -9.96
C ILE A 27 -6.09 6.87 -9.36
N THR A 28 -7.17 6.22 -8.96
CA THR A 28 -8.30 6.92 -8.37
C THR A 28 -8.02 7.39 -6.94
N ASP A 29 -8.86 8.27 -6.42
CA ASP A 29 -8.70 8.79 -5.06
C ASP A 29 -8.80 7.62 -4.10
N TYR A 30 -9.73 6.72 -4.39
CA TYR A 30 -9.93 5.53 -3.59
C TYR A 30 -8.62 4.75 -3.54
N ALA A 31 -7.99 4.60 -4.70
CA ALA A 31 -6.74 3.85 -4.80
C ALA A 31 -5.60 4.36 -3.92
N GLN A 32 -5.40 5.68 -3.84
CA GLN A 32 -4.31 6.22 -3.04
C GLN A 32 -4.67 6.23 -1.56
N ASP A 33 -5.96 6.23 -1.26
CA ASP A 33 -6.41 6.17 0.12
C ASP A 33 -6.03 4.79 0.66
N ALA A 34 -6.30 3.77 -0.14
CA ALA A 34 -6.00 2.39 0.22
C ALA A 34 -4.50 2.11 0.30
N LEU A 35 -3.69 2.83 -0.50
CA LEU A 35 -2.25 2.62 -0.51
C LEU A 35 -1.51 3.34 0.59
N GLY A 36 -1.99 4.52 0.95
CA GLY A 36 -1.34 5.31 1.96
C GLY A 36 -0.27 6.14 1.27
N ASP A 37 0.58 6.77 2.05
CA ASP A 37 1.65 7.61 1.51
C ASP A 37 2.46 6.87 0.44
N VAL A 38 2.59 7.50 -0.73
CA VAL A 38 3.36 6.94 -1.82
C VAL A 38 4.79 7.42 -1.65
N VAL A 39 5.74 6.51 -1.80
CA VAL A 39 7.14 6.85 -1.64
C VAL A 39 7.99 6.71 -2.91
N TYR A 40 7.46 6.03 -3.91
CA TYR A 40 8.20 5.83 -5.15
C TYR A 40 7.30 5.33 -6.29
N VAL A 41 7.56 5.79 -7.50
CA VAL A 41 6.79 5.37 -8.66
C VAL A 41 7.67 4.88 -9.79
N GLU A 42 7.50 3.63 -10.20
CA GLU A 42 8.27 3.06 -11.29
C GLU A 42 7.56 3.44 -12.58
N LEU A 43 8.24 4.18 -13.44
CA LEU A 43 7.61 4.62 -14.68
C LEU A 43 8.02 3.80 -15.88
N PRO A 44 7.11 3.62 -16.85
CA PRO A 44 7.40 2.84 -18.06
C PRO A 44 8.17 3.72 -19.03
N GLU A 45 9.06 3.10 -19.79
CA GLU A 45 9.87 3.81 -20.78
C GLU A 45 8.98 4.46 -21.84
N VAL A 46 9.30 5.70 -22.23
CA VAL A 46 8.52 6.41 -23.23
C VAL A 46 8.76 5.80 -24.61
N GLY A 47 7.67 5.51 -25.33
CA GLY A 47 7.82 4.93 -26.65
C GLY A 47 7.42 3.47 -26.75
N ARG A 48 7.42 2.78 -25.60
CA ARG A 48 7.03 1.38 -25.58
C ARG A 48 5.61 1.21 -26.09
N VAL A 49 5.38 0.09 -26.77
CA VAL A 49 4.05 -0.23 -27.26
C VAL A 49 3.53 -1.24 -26.24
N VAL A 50 2.36 -0.95 -25.66
CA VAL A 50 1.77 -1.79 -24.64
C VAL A 50 0.38 -2.29 -25.02
N GLU A 51 0.02 -3.47 -24.52
CA GLU A 51 -1.28 -4.05 -24.81
C GLU A 51 -2.21 -3.79 -23.64
N LYS A 52 -3.51 -3.90 -23.90
CA LYS A 52 -4.50 -3.69 -22.86
C LYS A 52 -4.30 -4.63 -21.67
N GLY A 53 -4.22 -4.05 -20.48
CA GLY A 53 -4.07 -4.85 -19.28
C GLY A 53 -2.65 -5.16 -18.86
N GLU A 54 -1.68 -4.79 -19.70
CA GLU A 54 -0.29 -5.05 -19.39
C GLU A 54 0.19 -4.20 -18.23
N ALA A 55 0.87 -4.82 -17.28
CA ALA A 55 1.39 -4.08 -16.13
C ALA A 55 2.57 -3.24 -16.66
N VAL A 56 2.49 -1.92 -16.50
CA VAL A 56 3.52 -1.03 -17.01
C VAL A 56 4.09 -0.03 -16.01
N ALA A 57 3.48 0.04 -14.83
CA ALA A 57 3.95 0.97 -13.81
C ALA A 57 3.73 0.38 -12.43
N VAL A 58 4.55 0.80 -11.48
CA VAL A 58 4.42 0.31 -10.12
C VAL A 58 4.45 1.47 -9.15
N VAL A 59 3.38 1.64 -8.40
CA VAL A 59 3.29 2.68 -7.41
C VAL A 59 3.62 2.02 -6.08
N GLU A 60 4.70 2.47 -5.45
CA GLU A 60 5.14 1.90 -4.19
C GLU A 60 4.81 2.82 -3.02
N SER A 61 3.98 2.34 -2.11
CA SER A 61 3.61 3.14 -0.95
C SER A 61 4.23 2.58 0.31
N VAL A 62 3.64 2.91 1.45
CA VAL A 62 4.14 2.44 2.73
C VAL A 62 3.37 1.22 3.20
N LYS A 63 2.50 0.71 2.34
CA LYS A 63 1.70 -0.46 2.68
C LYS A 63 1.99 -1.61 1.71
N THR A 64 2.19 -1.28 0.45
CA THR A 64 2.43 -2.29 -0.58
C THR A 64 2.87 -1.67 -1.90
N ALA A 65 3.10 -2.54 -2.89
CA ALA A 65 3.49 -2.14 -4.23
C ALA A 65 2.32 -2.52 -5.10
N SER A 66 1.89 -1.60 -5.96
CA SER A 66 0.74 -1.85 -6.83
C SER A 66 1.03 -1.76 -8.33
N ASP A 67 0.71 -2.81 -9.06
CA ASP A 67 0.94 -2.79 -10.50
C ASP A 67 -0.15 -1.97 -11.21
N ILE A 68 0.28 -0.99 -11.99
CA ILE A 68 -0.62 -0.13 -12.76
C ILE A 68 -0.70 -0.69 -14.17
N TYR A 69 -1.92 -0.91 -14.66
CA TYR A 69 -2.09 -1.48 -15.98
C TYR A 69 -2.42 -0.48 -17.07
N ALA A 70 -2.25 -0.89 -18.32
CA ALA A 70 -2.54 0.01 -19.43
C ALA A 70 -4.03 -0.17 -19.76
N PRO A 71 -4.88 0.79 -19.35
CA PRO A 71 -6.33 0.80 -19.56
C PRO A 71 -6.75 0.26 -20.92
N VAL A 72 -5.93 0.54 -21.92
CA VAL A 72 -6.18 0.06 -23.27
C VAL A 72 -4.83 -0.08 -23.96
N ALA A 73 -4.78 -0.81 -25.06
CA ALA A 73 -3.53 -0.99 -25.80
C ALA A 73 -3.14 0.33 -26.45
N GLY A 74 -1.84 0.53 -26.63
CA GLY A 74 -1.36 1.75 -27.24
C GLY A 74 0.10 1.96 -26.94
N GLU A 75 0.56 3.21 -27.00
CA GLU A 75 1.95 3.52 -26.75
C GLU A 75 2.11 4.60 -25.68
N ILE A 76 3.18 4.48 -24.89
CA ILE A 76 3.48 5.45 -23.85
C ILE A 76 4.13 6.65 -24.54
N VAL A 77 3.49 7.81 -24.49
CA VAL A 77 4.05 8.98 -25.15
C VAL A 77 4.61 9.99 -24.16
N GLU A 78 4.41 9.75 -22.88
CA GLU A 78 4.93 10.65 -21.85
C GLU A 78 4.91 10.02 -20.47
N VAL A 79 5.83 10.44 -19.63
CA VAL A 79 5.96 9.94 -18.28
C VAL A 79 6.06 11.13 -17.32
N ASN A 80 5.36 11.08 -16.18
CA ASN A 80 5.40 12.18 -15.23
C ASN A 80 6.65 12.15 -14.39
N LEU A 81 7.67 12.87 -14.84
CA LEU A 81 8.95 12.92 -14.15
C LEU A 81 8.88 13.43 -12.71
N ALA A 82 7.99 14.38 -12.45
CA ALA A 82 7.84 14.94 -11.11
C ALA A 82 7.57 13.88 -10.02
N LEU A 83 7.15 12.69 -10.43
CA LEU A 83 6.87 11.64 -9.46
C LEU A 83 8.14 10.97 -8.97
N GLU A 84 9.27 11.35 -9.56
CA GLU A 84 10.54 10.80 -9.13
C GLU A 84 10.99 11.57 -7.90
N LYS A 85 10.88 12.89 -7.96
CA LYS A 85 11.27 13.76 -6.86
C LYS A 85 10.17 14.00 -5.82
N THR A 86 8.91 13.95 -6.25
CA THR A 86 7.80 14.16 -5.33
C THR A 86 6.67 13.18 -5.58
N PRO A 87 6.88 11.90 -5.25
CA PRO A 87 5.89 10.83 -5.43
C PRO A 87 4.56 11.05 -4.73
N GLU A 88 4.58 11.76 -3.60
CA GLU A 88 3.36 12.01 -2.84
C GLU A 88 2.27 12.75 -3.61
N LEU A 89 2.63 13.32 -4.76
CA LEU A 89 1.68 14.03 -5.60
C LEU A 89 0.51 13.09 -5.92
N VAL A 90 0.81 11.80 -5.97
CA VAL A 90 -0.21 10.80 -6.26
C VAL A 90 -1.31 10.85 -5.21
N ASN A 91 -0.92 11.12 -3.96
CA ASN A 91 -1.86 11.19 -2.85
C ASN A 91 -2.58 12.54 -2.80
N GLN A 92 -1.78 13.60 -2.86
CA GLN A 92 -2.27 14.96 -2.80
C GLN A 92 -3.22 15.35 -3.92
N ASP A 93 -2.98 14.84 -5.11
CA ASP A 93 -3.81 15.18 -6.26
C ASP A 93 -3.75 14.06 -7.30
N PRO A 94 -4.34 12.90 -6.99
CA PRO A 94 -4.39 11.71 -7.82
C PRO A 94 -4.95 11.93 -9.22
N TYR A 95 -5.94 12.80 -9.33
CA TYR A 95 -6.55 13.07 -10.63
C TYR A 95 -5.90 14.26 -11.33
N GLY A 96 -5.06 15.00 -10.61
CA GLY A 96 -4.42 16.16 -11.23
C GLY A 96 -2.94 16.04 -11.48
N GLU A 97 -2.16 16.73 -10.66
CA GLU A 97 -0.71 16.72 -10.80
C GLU A 97 -0.12 15.36 -10.50
N GLY A 98 -0.98 14.42 -10.08
CA GLY A 98 -0.52 13.09 -9.76
C GLY A 98 -0.65 12.07 -10.89
N TRP A 99 -0.87 12.51 -12.12
CA TRP A 99 -0.97 11.56 -13.22
C TRP A 99 0.35 10.79 -13.27
N ILE A 100 0.34 9.62 -13.87
CA ILE A 100 1.54 8.80 -13.94
C ILE A 100 2.14 8.76 -15.35
N PHE A 101 1.31 8.48 -16.35
CA PHE A 101 1.78 8.45 -17.72
C PHE A 101 0.72 8.82 -18.75
N ARG A 102 1.19 9.27 -19.92
CA ARG A 102 0.33 9.64 -21.03
C ARG A 102 0.38 8.48 -22.00
N LEU A 103 -0.80 7.99 -22.38
CA LEU A 103 -0.91 6.87 -23.29
C LEU A 103 -1.71 7.24 -24.52
N LYS A 104 -1.21 6.81 -25.68
CA LYS A 104 -1.93 7.09 -26.93
C LYS A 104 -2.56 5.78 -27.33
N PRO A 105 -3.90 5.70 -27.30
CA PRO A 105 -4.62 4.48 -27.67
C PRO A 105 -4.34 3.99 -29.11
N ARG A 106 -4.21 2.68 -29.26
CA ARG A 106 -3.98 2.11 -30.57
C ARG A 106 -5.23 2.43 -31.37
N ASP A 107 -6.34 2.57 -30.65
CA ASP A 107 -7.65 2.87 -31.21
C ASP A 107 -8.57 3.47 -30.14
N MET A 108 -8.95 4.73 -30.31
CA MET A 108 -9.81 5.42 -29.36
C MET A 108 -11.09 4.66 -28.99
N GLY A 109 -11.70 4.03 -29.97
CA GLY A 109 -12.93 3.30 -29.72
C GLY A 109 -12.82 2.35 -28.54
N ASP A 110 -11.59 1.99 -28.18
CA ASP A 110 -11.36 1.07 -27.07
C ASP A 110 -11.71 1.69 -25.73
N LEU A 111 -11.63 3.01 -25.64
CA LEU A 111 -11.95 3.68 -24.38
C LEU A 111 -13.42 3.46 -24.05
N ASP A 112 -14.23 3.39 -25.10
CA ASP A 112 -15.67 3.20 -24.95
C ASP A 112 -16.01 1.84 -24.33
N GLU A 113 -14.98 1.09 -23.94
CA GLU A 113 -15.16 -0.22 -23.29
C GLU A 113 -14.84 -0.07 -21.80
N LEU A 114 -14.53 1.15 -21.40
CA LEU A 114 -14.21 1.44 -20.01
C LEU A 114 -15.42 1.95 -19.26
N LEU A 115 -15.26 2.19 -17.97
CA LEU A 115 -16.35 2.68 -17.12
C LEU A 115 -16.38 4.20 -16.97
N ASP A 116 -17.55 4.73 -16.65
CA ASP A 116 -17.66 6.17 -16.42
C ASP A 116 -17.79 6.33 -14.90
N ALA A 117 -17.77 7.56 -14.43
CA ALA A 117 -17.86 7.81 -13.00
C ALA A 117 -18.90 6.95 -12.31
N GLY A 118 -19.99 6.66 -13.02
CA GLY A 118 -21.06 5.87 -12.45
C GLY A 118 -20.70 4.40 -12.40
N GLY A 119 -20.00 3.95 -13.43
CA GLY A 119 -19.59 2.56 -13.45
C GLY A 119 -18.58 2.27 -12.35
N TYR A 120 -17.63 3.18 -12.16
CA TYR A 120 -16.62 2.97 -11.13
C TYR A 120 -17.20 3.00 -9.73
N GLN A 121 -18.18 3.88 -9.52
CA GLN A 121 -18.83 3.98 -8.23
C GLN A 121 -19.57 2.69 -7.89
N GLU A 122 -20.25 2.10 -8.89
CA GLU A 122 -20.97 0.85 -8.69
C GLU A 122 -19.95 -0.18 -8.23
N VAL A 123 -18.78 -0.17 -8.86
CA VAL A 123 -17.71 -1.09 -8.52
C VAL A 123 -17.23 -0.93 -7.08
N LEU A 124 -17.04 0.32 -6.64
CA LEU A 124 -16.57 0.54 -5.28
C LEU A 124 -17.64 0.13 -4.30
N GLU A 125 -18.90 0.42 -4.63
CA GLU A 125 -20.00 0.05 -3.76
C GLU A 125 -20.20 -1.46 -3.76
N SER A 126 -19.87 -2.11 -4.87
CA SER A 126 -20.03 -3.55 -4.99
C SER A 126 -19.05 -4.29 -4.10
N GLU A 127 -17.84 -3.75 -3.95
CA GLU A 127 -16.83 -4.39 -3.12
C GLU A 127 -16.69 -3.79 -1.72
N ALA A 128 -17.59 -2.90 -1.36
CA ALA A 128 -17.55 -2.27 -0.03
C ALA A 128 -17.71 -3.31 1.07
N ASP B 2 24.89 -4.85 -12.66
CA ASP B 2 25.34 -5.93 -11.75
C ASP B 2 24.13 -6.71 -11.24
N ILE B 3 23.77 -7.76 -11.98
CA ILE B 3 22.64 -8.60 -11.61
C ILE B 3 23.07 -10.06 -11.57
N PRO B 4 23.57 -10.54 -10.43
CA PRO B 4 24.01 -11.93 -10.31
C PRO B 4 22.86 -12.90 -10.61
N LYS B 5 23.17 -14.12 -11.03
CA LYS B 5 22.14 -15.10 -11.36
C LYS B 5 22.00 -16.19 -10.30
N ASP B 6 22.16 -15.82 -9.04
CA ASP B 6 22.05 -16.82 -7.97
C ASP B 6 20.79 -16.61 -7.15
N ARG B 7 19.90 -15.72 -7.60
CA ARG B 7 18.68 -15.44 -6.86
C ARG B 7 17.53 -14.98 -7.74
N PHE B 8 16.39 -14.72 -7.11
CA PHE B 8 15.23 -14.22 -7.83
C PHE B 8 15.15 -12.70 -7.66
N TYR B 9 14.31 -12.06 -8.44
CA TYR B 9 14.15 -10.61 -8.39
C TYR B 9 12.70 -10.14 -8.47
N THR B 10 12.45 -8.90 -8.03
CA THR B 10 11.11 -8.34 -8.10
C THR B 10 11.21 -7.06 -8.91
N LYS B 11 10.09 -6.64 -9.47
CA LYS B 11 10.06 -5.42 -10.24
C LYS B 11 10.13 -4.26 -9.26
N THR B 12 10.26 -4.56 -7.97
CA THR B 12 10.38 -3.51 -6.96
C THR B 12 11.85 -3.41 -6.55
N HIS B 13 12.72 -3.91 -7.41
CA HIS B 13 14.16 -3.86 -7.19
C HIS B 13 14.65 -4.54 -5.92
N GLU B 14 14.10 -5.72 -5.64
CA GLU B 14 14.48 -6.51 -4.47
C GLU B 14 14.92 -7.88 -4.96
N TRP B 15 15.66 -8.60 -4.13
CA TRP B 15 16.10 -9.93 -4.51
C TRP B 15 15.82 -10.94 -3.42
N ALA B 16 15.47 -12.15 -3.82
CA ALA B 16 15.18 -13.24 -2.88
C ALA B 16 16.18 -14.37 -3.10
N LEU B 17 17.07 -14.56 -2.13
CA LEU B 17 18.10 -15.60 -2.21
C LEU B 17 17.64 -16.83 -1.45
N PRO B 18 17.28 -17.90 -2.17
CA PRO B 18 16.82 -19.13 -1.54
C PRO B 18 17.89 -19.86 -0.70
N GLU B 19 17.47 -20.41 0.44
CA GLU B 19 18.34 -21.16 1.32
C GLU B 19 17.47 -22.14 2.10
N GLY B 20 17.22 -23.31 1.52
CA GLY B 20 16.38 -24.29 2.20
C GLY B 20 14.92 -23.88 2.07
N ASP B 21 14.20 -23.80 3.18
CA ASP B 21 12.80 -23.40 3.14
C ASP B 21 12.62 -21.92 3.48
N THR B 22 13.65 -21.13 3.18
CA THR B 22 13.60 -19.70 3.45
C THR B 22 14.32 -18.97 2.35
N VAL B 23 14.33 -17.64 2.45
CA VAL B 23 15.00 -16.80 1.48
C VAL B 23 15.50 -15.55 2.18
N LEU B 24 16.66 -15.07 1.76
CA LEU B 24 17.21 -13.85 2.32
C LEU B 24 16.71 -12.77 1.36
N VAL B 25 16.45 -11.58 1.88
CA VAL B 25 15.94 -10.50 1.05
C VAL B 25 16.74 -9.22 1.19
N GLY B 26 16.98 -8.57 0.06
CA GLY B 26 17.73 -7.33 0.06
C GLY B 26 17.38 -6.57 -1.20
N ILE B 27 18.10 -5.48 -1.48
CA ILE B 27 17.83 -4.70 -2.67
C ILE B 27 18.96 -4.82 -3.68
N THR B 28 18.62 -4.71 -4.96
CA THR B 28 19.59 -4.83 -6.05
C THR B 28 20.63 -3.71 -6.06
N ASP B 29 21.68 -3.94 -6.83
CA ASP B 29 22.76 -2.99 -6.98
C ASP B 29 22.22 -1.66 -7.47
N TYR B 30 21.28 -1.73 -8.40
CA TYR B 30 20.64 -0.56 -8.98
C TYR B 30 19.88 0.19 -7.90
N ALA B 31 19.13 -0.56 -7.09
CA ALA B 31 18.34 0.03 -6.02
C ALA B 31 19.17 0.87 -5.07
N GLN B 32 20.23 0.30 -4.51
CA GLN B 32 21.06 1.05 -3.58
C GLN B 32 21.75 2.20 -4.29
N ASP B 33 22.16 1.96 -5.52
CA ASP B 33 22.84 3.00 -6.28
C ASP B 33 21.93 4.19 -6.49
N ALA B 34 20.66 3.92 -6.79
CA ALA B 34 19.68 4.98 -7.03
C ALA B 34 19.23 5.67 -5.75
N LEU B 35 19.28 4.94 -4.64
CA LEU B 35 18.87 5.49 -3.36
C LEU B 35 19.92 6.42 -2.77
N GLY B 36 21.19 6.03 -2.85
CA GLY B 36 22.25 6.85 -2.31
C GLY B 36 22.68 6.26 -0.97
N ASP B 37 23.57 6.97 -0.27
CA ASP B 37 24.08 6.53 1.02
C ASP B 37 23.00 6.17 2.06
N VAL B 38 22.78 4.87 2.25
CA VAL B 38 21.80 4.35 3.21
C VAL B 38 22.28 4.66 4.63
N VAL B 39 21.63 5.63 5.29
CA VAL B 39 22.04 6.00 6.62
C VAL B 39 21.27 5.36 7.76
N TYR B 40 20.20 4.64 7.43
CA TYR B 40 19.41 3.99 8.47
C TYR B 40 18.49 2.91 7.89
N VAL B 41 18.26 1.87 8.69
CA VAL B 41 17.40 0.77 8.25
C VAL B 41 16.42 0.33 9.31
N GLU B 42 15.15 0.26 8.93
CA GLU B 42 14.09 -0.17 9.83
C GLU B 42 13.79 -1.63 9.51
N LEU B 43 14.50 -2.51 10.20
CA LEU B 43 14.35 -3.94 10.00
C LEU B 43 12.93 -4.40 10.27
N PRO B 44 12.48 -5.46 9.57
CA PRO B 44 11.12 -5.99 9.74
C PRO B 44 10.94 -6.73 11.07
N GLU B 45 9.70 -6.73 11.58
CA GLU B 45 9.39 -7.38 12.85
C GLU B 45 9.45 -8.90 12.80
N VAL B 46 10.39 -9.46 13.53
CA VAL B 46 10.55 -10.91 13.57
C VAL B 46 9.28 -11.59 14.10
N GLY B 47 8.86 -12.65 13.44
CA GLY B 47 7.66 -13.36 13.86
C GLY B 47 6.38 -12.92 13.18
N ARG B 48 6.42 -11.75 12.53
CA ARG B 48 5.26 -11.22 11.85
C ARG B 48 4.92 -12.04 10.61
N VAL B 49 3.64 -12.22 10.36
CA VAL B 49 3.18 -12.96 9.20
C VAL B 49 2.85 -11.92 8.15
N VAL B 50 3.34 -12.11 6.93
CA VAL B 50 3.11 -11.12 5.89
C VAL B 50 2.60 -11.69 4.57
N GLU B 51 2.11 -10.79 3.70
CA GLU B 51 1.58 -11.17 2.40
C GLU B 51 2.50 -10.69 1.29
N LYS B 52 2.37 -11.30 0.12
CA LYS B 52 3.18 -10.93 -1.03
C LYS B 52 2.99 -9.45 -1.33
N GLY B 53 4.09 -8.71 -1.42
CA GLY B 53 4.01 -7.29 -1.73
C GLY B 53 3.76 -6.38 -0.54
N GLU B 54 3.47 -6.95 0.61
CA GLU B 54 3.22 -6.14 1.79
C GLU B 54 4.49 -5.45 2.23
N ALA B 55 4.37 -4.19 2.66
CA ALA B 55 5.52 -3.41 3.11
C ALA B 55 5.90 -3.91 4.51
N VAL B 56 7.15 -4.35 4.66
CA VAL B 56 7.60 -4.90 5.93
C VAL B 56 8.87 -4.29 6.52
N ALA B 57 9.54 -3.43 5.77
CA ALA B 57 10.78 -2.80 6.23
C ALA B 57 11.09 -1.53 5.44
N VAL B 58 11.93 -0.67 5.99
CA VAL B 58 12.28 0.58 5.32
C VAL B 58 13.77 0.80 5.28
N VAL B 59 14.27 1.21 4.11
CA VAL B 59 15.68 1.50 3.93
C VAL B 59 15.77 3.01 3.65
N GLU B 60 16.35 3.75 4.59
CA GLU B 60 16.45 5.19 4.42
C GLU B 60 17.82 5.69 3.96
N SER B 61 17.81 6.54 2.94
CA SER B 61 19.03 7.14 2.44
C SER B 61 18.96 8.55 3.01
N VAL B 62 19.95 9.36 2.66
CA VAL B 62 19.98 10.74 3.15
C VAL B 62 18.96 11.59 2.41
N LYS B 63 18.31 11.00 1.41
CA LYS B 63 17.30 11.70 0.61
C LYS B 63 15.89 11.12 0.75
N THR B 64 15.70 9.89 0.29
CA THR B 64 14.40 9.24 0.33
C THR B 64 14.34 8.00 1.23
N ALA B 65 13.13 7.61 1.60
CA ALA B 65 12.93 6.45 2.45
C ALA B 65 12.26 5.36 1.61
N SER B 66 13.03 4.36 1.19
CA SER B 66 12.48 3.29 0.36
C SER B 66 11.93 2.11 1.18
N ASP B 67 10.65 1.80 0.97
CA ASP B 67 10.02 0.70 1.68
C ASP B 67 10.36 -0.62 0.99
N ILE B 68 10.49 -1.68 1.78
CA ILE B 68 10.82 -3.00 1.26
C ILE B 68 9.62 -3.90 1.47
N TYR B 69 9.23 -4.61 0.41
CA TYR B 69 8.06 -5.50 0.47
C TYR B 69 8.46 -6.98 0.48
N ALA B 70 7.60 -7.83 1.02
CA ALA B 70 7.88 -9.26 1.05
C ALA B 70 7.67 -9.82 -0.36
N PRO B 71 8.72 -10.39 -0.95
CA PRO B 71 8.56 -10.94 -2.31
C PRO B 71 7.40 -11.91 -2.45
N VAL B 72 7.21 -12.73 -1.42
CA VAL B 72 6.13 -13.70 -1.40
C VAL B 72 5.52 -13.71 -0.01
N ALA B 73 4.44 -14.47 0.17
CA ALA B 73 3.79 -14.53 1.47
C ALA B 73 4.63 -15.37 2.42
N GLY B 74 4.67 -14.98 3.69
CA GLY B 74 5.44 -15.75 4.67
C GLY B 74 5.61 -15.08 6.02
N GLU B 75 6.60 -15.53 6.77
CA GLU B 75 6.88 -15.00 8.11
C GLU B 75 8.34 -14.51 8.26
N ILE B 76 8.51 -13.34 8.86
CA ILE B 76 9.83 -12.77 9.09
C ILE B 76 10.41 -13.62 10.21
N VAL B 77 11.47 -14.38 9.93
CA VAL B 77 12.04 -15.26 10.95
C VAL B 77 13.42 -14.86 11.45
N GLU B 78 14.01 -13.85 10.82
CA GLU B 78 15.33 -13.39 11.22
C GLU B 78 15.60 -12.04 10.57
N VAL B 79 16.41 -11.23 11.24
CA VAL B 79 16.72 -9.92 10.72
C VAL B 79 18.24 -9.75 10.86
N ASN B 80 18.83 -8.95 9.97
CA ASN B 80 20.28 -8.73 9.99
C ASN B 80 20.69 -7.58 10.88
N LEU B 81 21.10 -7.90 12.10
CA LEU B 81 21.51 -6.89 13.09
C LEU B 81 22.66 -6.00 12.64
N ALA B 82 23.50 -6.50 11.74
CA ALA B 82 24.64 -5.72 11.25
C ALA B 82 24.21 -4.34 10.73
N LEU B 83 23.02 -4.28 10.14
CA LEU B 83 22.50 -3.04 9.59
C LEU B 83 22.11 -2.04 10.67
N GLU B 84 21.87 -2.53 11.88
CA GLU B 84 21.51 -1.63 12.96
C GLU B 84 22.65 -0.65 13.24
N LYS B 85 23.88 -1.11 13.06
CA LYS B 85 25.05 -0.25 13.29
C LYS B 85 25.83 0.14 12.03
N THR B 86 25.84 -0.74 11.02
CA THR B 86 26.53 -0.45 9.76
C THR B 86 25.56 -0.53 8.60
N PRO B 87 24.60 0.40 8.53
CA PRO B 87 23.62 0.39 7.43
C PRO B 87 24.22 0.57 6.03
N GLU B 88 25.37 1.23 5.94
CA GLU B 88 26.01 1.45 4.65
C GLU B 88 26.35 0.15 3.93
N LEU B 89 26.27 -0.97 4.65
CA LEU B 89 26.56 -2.28 4.07
C LEU B 89 25.60 -2.56 2.92
N VAL B 90 24.49 -1.83 2.89
CA VAL B 90 23.47 -1.95 1.86
C VAL B 90 24.01 -1.43 0.51
N ASN B 91 24.77 -0.34 0.59
CA ASN B 91 25.36 0.27 -0.60
C ASN B 91 26.59 -0.49 -1.07
N GLN B 92 27.47 -0.81 -0.13
CA GLN B 92 28.71 -1.51 -0.42
C GLN B 92 28.58 -2.98 -0.82
N ASP B 93 27.50 -3.64 -0.40
CA ASP B 93 27.36 -5.05 -0.72
C ASP B 93 25.90 -5.48 -0.62
N PRO B 94 25.02 -4.90 -1.46
CA PRO B 94 23.59 -5.21 -1.48
C PRO B 94 23.19 -6.69 -1.57
N TYR B 95 24.03 -7.50 -2.20
CA TYR B 95 23.72 -8.93 -2.32
C TYR B 95 24.33 -9.78 -1.22
N GLY B 96 25.38 -9.29 -0.57
CA GLY B 96 26.03 -10.05 0.48
C GLY B 96 25.70 -9.58 1.89
N GLU B 97 26.67 -8.93 2.53
CA GLU B 97 26.49 -8.43 3.88
C GLU B 97 25.34 -7.41 3.97
N GLY B 98 24.76 -7.06 2.83
CA GLY B 98 23.67 -6.09 2.83
C GLY B 98 22.26 -6.66 2.93
N TRP B 99 22.12 -7.99 3.04
CA TRP B 99 20.79 -8.58 3.15
C TRP B 99 20.03 -7.96 4.32
N ILE B 100 18.73 -7.77 4.13
CA ILE B 100 17.91 -7.17 5.16
C ILE B 100 17.26 -8.17 6.11
N PHE B 101 16.67 -9.25 5.58
CA PHE B 101 16.00 -10.22 6.43
C PHE B 101 15.80 -11.61 5.81
N ARG B 102 15.43 -12.55 6.66
CA ARG B 102 15.16 -13.92 6.23
C ARG B 102 13.67 -14.15 6.32
N LEU B 103 13.07 -14.53 5.19
CA LEU B 103 11.63 -14.78 5.13
C LEU B 103 11.36 -16.27 4.91
N LYS B 104 10.38 -16.79 5.63
CA LYS B 104 10.01 -18.20 5.51
C LYS B 104 8.70 -18.27 4.74
N PRO B 105 8.77 -18.54 3.42
CA PRO B 105 7.61 -18.65 2.53
C PRO B 105 6.52 -19.62 2.98
N ARG B 106 5.26 -19.27 2.77
CA ARG B 106 4.19 -20.18 3.14
C ARG B 106 4.34 -21.34 2.17
N ASP B 107 4.75 -21.03 0.95
CA ASP B 107 4.95 -22.03 -0.10
C ASP B 107 6.17 -21.64 -0.95
N MET B 108 7.21 -22.46 -0.90
CA MET B 108 8.43 -22.18 -1.66
C MET B 108 8.18 -22.02 -3.16
N GLY B 109 7.12 -22.64 -3.65
CA GLY B 109 6.78 -22.56 -5.06
C GLY B 109 6.37 -21.17 -5.51
N ASP B 110 6.08 -20.29 -4.56
CA ASP B 110 5.68 -18.93 -4.88
C ASP B 110 6.84 -18.19 -5.51
N LEU B 111 8.05 -18.54 -5.09
CA LEU B 111 9.26 -17.93 -5.60
C LEU B 111 9.35 -18.12 -7.11
N ASP B 112 8.94 -19.29 -7.56
CA ASP B 112 8.98 -19.60 -8.99
C ASP B 112 8.19 -18.54 -9.78
N GLU B 113 7.40 -17.74 -9.07
CA GLU B 113 6.59 -16.70 -9.70
C GLU B 113 7.28 -15.34 -9.70
N LEU B 114 8.60 -15.35 -9.50
CA LEU B 114 9.38 -14.11 -9.48
C LEU B 114 10.31 -14.09 -10.68
N LEU B 115 10.98 -12.96 -10.88
CA LEU B 115 11.90 -12.77 -11.99
C LEU B 115 13.28 -13.37 -11.73
N ASP B 116 13.95 -13.83 -12.77
CA ASP B 116 15.31 -14.30 -12.62
C ASP B 116 16.19 -13.20 -13.22
N ALA B 117 17.51 -13.36 -13.18
CA ALA B 117 18.42 -12.35 -13.69
C ALA B 117 17.99 -11.75 -15.03
N GLY B 118 17.72 -12.61 -16.01
CA GLY B 118 17.31 -12.13 -17.31
C GLY B 118 16.09 -11.25 -17.20
N GLY B 119 15.10 -11.75 -16.46
CA GLY B 119 13.86 -10.99 -16.28
C GLY B 119 14.05 -9.63 -15.64
N TYR B 120 14.89 -9.56 -14.61
CA TYR B 120 15.12 -8.29 -13.93
C TYR B 120 15.82 -7.30 -14.85
N GLN B 121 16.67 -7.79 -15.73
CA GLN B 121 17.37 -6.91 -16.66
C GLN B 121 16.30 -6.26 -17.53
N GLU B 122 15.32 -7.07 -17.95
CA GLU B 122 14.20 -6.62 -18.77
C GLU B 122 13.59 -5.37 -18.14
N VAL B 123 13.05 -5.56 -16.93
CA VAL B 123 12.43 -4.49 -16.16
C VAL B 123 13.25 -3.20 -16.24
N LEU B 124 14.53 -3.29 -15.86
CA LEU B 124 15.42 -2.14 -15.88
C LEU B 124 15.55 -1.48 -17.25
N GLU B 125 15.53 -2.30 -18.30
CA GLU B 125 15.68 -1.81 -19.67
C GLU B 125 14.41 -1.20 -20.24
N SER B 126 13.30 -1.36 -19.52
CA SER B 126 12.03 -0.83 -19.97
C SER B 126 11.46 0.11 -18.92
N GLU B 127 12.34 0.63 -18.08
CA GLU B 127 11.95 1.52 -17.00
C GLU B 127 12.56 2.90 -17.20
N ALA B 128 11.72 3.93 -17.17
CA ALA B 128 12.17 5.30 -17.33
C ALA B 128 13.38 5.61 -16.46
N ASP C 2 -3.99 -9.28 22.87
CA ASP C 2 -5.35 -9.29 23.51
C ASP C 2 -6.42 -8.76 22.55
N ILE C 3 -7.66 -9.20 22.77
CA ILE C 3 -8.78 -8.80 21.94
C ILE C 3 -10.05 -8.78 22.78
N PRO C 4 -10.41 -7.62 23.35
CA PRO C 4 -11.62 -7.53 24.17
C PRO C 4 -12.85 -8.10 23.47
N LYS C 5 -13.72 -8.75 24.23
CA LYS C 5 -14.91 -9.37 23.66
C LYS C 5 -16.18 -8.55 23.91
N ASP C 6 -16.04 -7.23 23.88
CA ASP C 6 -17.18 -6.35 24.13
C ASP C 6 -17.48 -5.47 22.92
N ARG C 7 -16.77 -5.70 21.82
CA ARG C 7 -16.94 -4.90 20.61
C ARG C 7 -16.88 -5.71 19.32
N PHE C 8 -17.17 -5.03 18.22
CA PHE C 8 -17.13 -5.65 16.90
C PHE C 8 -15.79 -5.40 16.25
N TYR C 9 -15.50 -6.18 15.22
CA TYR C 9 -14.23 -6.10 14.54
C TYR C 9 -14.36 -6.14 13.02
N THR C 10 -13.39 -5.51 12.37
CA THR C 10 -13.37 -5.49 10.91
C THR C 10 -12.18 -6.31 10.45
N LYS C 11 -12.28 -6.86 9.25
CA LYS C 11 -11.15 -7.63 8.74
C LYS C 11 -10.06 -6.62 8.38
N THR C 12 -10.38 -5.33 8.45
CA THR C 12 -9.40 -4.28 8.17
C THR C 12 -8.75 -3.81 9.47
N HIS C 13 -8.87 -4.64 10.51
CA HIS C 13 -8.25 -4.36 11.82
C HIS C 13 -8.76 -3.15 12.59
N GLU C 14 -10.07 -2.95 12.55
CA GLU C 14 -10.73 -1.86 13.27
C GLU C 14 -11.78 -2.46 14.20
N TRP C 15 -12.05 -1.79 15.31
CA TRP C 15 -13.05 -2.27 16.24
C TRP C 15 -14.16 -1.26 16.43
N ALA C 16 -15.37 -1.76 16.58
CA ALA C 16 -16.55 -0.94 16.78
C ALA C 16 -17.21 -1.33 18.12
N LEU C 17 -17.17 -0.41 19.08
CA LEU C 17 -17.74 -0.63 20.42
C LEU C 17 -19.17 -0.13 20.51
N PRO C 18 -20.14 -1.06 20.62
CA PRO C 18 -21.56 -0.71 20.73
C PRO C 18 -21.84 0.16 21.94
N GLU C 19 -22.65 1.19 21.76
CA GLU C 19 -23.01 2.11 22.84
C GLU C 19 -24.29 2.79 22.43
N GLY C 20 -25.41 2.31 22.95
CA GLY C 20 -26.69 2.89 22.60
C GLY C 20 -26.93 2.73 21.10
N ASP C 21 -27.10 3.85 20.40
CA ASP C 21 -27.34 3.78 18.97
C ASP C 21 -26.12 4.25 18.19
N THR C 22 -24.95 4.10 18.78
CA THR C 22 -23.69 4.48 18.12
C THR C 22 -22.62 3.43 18.37
N VAL C 23 -21.42 3.72 17.87
CA VAL C 23 -20.27 2.83 18.04
C VAL C 23 -18.97 3.60 18.03
N LEU C 24 -18.13 3.35 19.04
CA LEU C 24 -16.83 4.00 19.12
C LEU C 24 -15.94 3.24 18.13
N VAL C 25 -14.99 3.92 17.52
CA VAL C 25 -14.13 3.23 16.56
C VAL C 25 -12.65 3.48 16.79
N GLY C 26 -11.88 2.40 16.68
CA GLY C 26 -10.44 2.48 16.86
C GLY C 26 -9.81 1.34 16.09
N ILE C 27 -8.52 1.13 16.29
CA ILE C 27 -7.80 0.06 15.63
C ILE C 27 -7.30 -0.95 16.68
N THR C 28 -7.21 -2.20 16.27
CA THR C 28 -6.78 -3.27 17.18
C THR C 28 -5.33 -3.13 17.61
N ASP C 29 -4.93 -3.97 18.57
CA ASP C 29 -3.57 -3.95 19.10
C ASP C 29 -2.66 -4.41 17.96
N TYR C 30 -3.19 -5.34 17.17
CA TYR C 30 -2.48 -5.90 16.04
C TYR C 30 -2.13 -4.76 15.09
N ALA C 31 -3.13 -3.93 14.81
CA ALA C 31 -3.00 -2.79 13.92
C ALA C 31 -1.97 -1.76 14.38
N GLN C 32 -1.99 -1.40 15.66
CA GLN C 32 -1.05 -0.42 16.16
C GLN C 32 0.38 -0.94 16.17
N ASP C 33 0.54 -2.26 16.26
CA ASP C 33 1.86 -2.85 16.25
C ASP C 33 2.44 -2.76 14.84
N ALA C 34 1.58 -2.97 13.85
CA ALA C 34 1.98 -2.92 12.45
C ALA C 34 2.29 -1.49 12.01
N LEU C 35 1.73 -0.51 12.74
CA LEU C 35 1.94 0.90 12.44
C LEU C 35 3.20 1.45 13.09
N GLY C 36 3.49 0.99 14.31
CA GLY C 36 4.66 1.49 15.01
C GLY C 36 4.27 2.81 15.66
N ASP C 37 5.25 3.57 16.12
CA ASP C 37 4.98 4.84 16.78
C ASP C 37 4.11 5.83 16.00
N VAL C 38 2.90 6.04 16.50
CA VAL C 38 1.95 6.95 15.88
C VAL C 38 2.38 8.40 16.20
N VAL C 39 2.50 9.22 15.18
CA VAL C 39 2.92 10.60 15.38
C VAL C 39 1.83 11.61 15.08
N TYR C 40 0.93 11.26 14.18
CA TYR C 40 -0.14 12.18 13.79
C TYR C 40 -1.43 11.44 13.46
N VAL C 41 -2.56 12.06 13.82
CA VAL C 41 -3.87 11.48 13.57
C VAL C 41 -4.80 12.50 12.96
N GLU C 42 -5.23 12.24 11.73
CA GLU C 42 -6.16 13.14 11.04
C GLU C 42 -7.56 12.64 11.34
N LEU C 43 -8.18 13.22 12.35
CA LEU C 43 -9.52 12.85 12.78
C LEU C 43 -10.54 13.13 11.69
N PRO C 44 -11.59 12.31 11.57
CA PRO C 44 -12.62 12.49 10.56
C PRO C 44 -13.49 13.71 10.83
N GLU C 45 -14.26 14.16 9.83
CA GLU C 45 -15.12 15.32 9.99
C GLU C 45 -16.45 15.02 10.68
N VAL C 46 -16.69 15.66 11.82
CA VAL C 46 -17.94 15.46 12.54
C VAL C 46 -19.08 15.99 11.67
N GLY C 47 -20.26 15.40 11.81
CA GLY C 47 -21.40 15.84 11.02
C GLY C 47 -21.47 15.22 9.64
N ARG C 48 -20.38 14.61 9.21
CA ARG C 48 -20.31 13.99 7.88
C ARG C 48 -20.99 12.62 7.76
N VAL C 49 -21.77 12.47 6.68
CA VAL C 49 -22.51 11.24 6.38
C VAL C 49 -21.64 10.37 5.47
N VAL C 50 -21.19 9.23 6.01
CA VAL C 50 -20.33 8.33 5.24
C VAL C 50 -20.94 6.99 4.90
N GLU C 51 -20.30 6.30 3.97
CA GLU C 51 -20.74 4.99 3.53
C GLU C 51 -19.82 3.92 4.13
N LYS C 52 -20.27 2.67 4.09
CA LYS C 52 -19.51 1.54 4.60
C LYS C 52 -18.23 1.35 3.79
N GLY C 53 -17.09 1.30 4.48
CA GLY C 53 -15.82 1.11 3.80
C GLY C 53 -15.20 2.40 3.27
N GLU C 54 -15.86 3.52 3.49
CA GLU C 54 -15.33 4.80 3.03
C GLU C 54 -14.22 5.32 3.94
N ALA C 55 -13.11 5.72 3.34
CA ALA C 55 -11.99 6.24 4.11
C ALA C 55 -12.45 7.51 4.83
N VAL C 56 -12.29 7.56 6.15
CA VAL C 56 -12.72 8.71 6.92
C VAL C 56 -11.63 9.39 7.74
N ALA C 57 -10.57 8.67 8.04
CA ALA C 57 -9.47 9.23 8.83
C ALA C 57 -8.12 8.64 8.43
N VAL C 58 -7.05 9.24 8.94
CA VAL C 58 -5.70 8.76 8.64
C VAL C 58 -4.81 8.77 9.86
N VAL C 59 -4.25 7.61 10.19
CA VAL C 59 -3.33 7.48 11.31
C VAL C 59 -1.91 7.42 10.75
N GLU C 60 -1.06 8.35 11.16
CA GLU C 60 0.31 8.42 10.67
C GLU C 60 1.34 8.04 11.73
N SER C 61 2.30 7.23 11.33
CA SER C 61 3.38 6.81 12.21
C SER C 61 4.67 7.26 11.55
N VAL C 62 5.79 6.93 12.19
CA VAL C 62 7.07 7.32 11.63
C VAL C 62 7.40 6.51 10.37
N LYS C 63 7.17 5.19 10.43
CA LYS C 63 7.49 4.30 9.30
C LYS C 63 6.46 4.29 8.17
N THR C 64 5.17 4.27 8.51
CA THR C 64 4.13 4.27 7.49
C THR C 64 2.88 5.02 7.92
N ALA C 65 1.73 4.52 7.50
CA ALA C 65 0.45 5.14 7.83
C ALA C 65 -0.66 4.25 7.32
N SER C 66 -1.89 4.55 7.73
CA SER C 66 -3.04 3.77 7.31
C SER C 66 -4.34 4.59 7.39
N ASP C 67 -5.19 4.43 6.39
CA ASP C 67 -6.47 5.13 6.36
C ASP C 67 -7.48 4.32 7.14
N ILE C 68 -8.34 5.01 7.88
CA ILE C 68 -9.36 4.33 8.66
C ILE C 68 -10.66 4.48 7.91
N TYR C 69 -11.41 3.38 7.80
CA TYR C 69 -12.68 3.39 7.07
C TYR C 69 -13.88 3.20 7.99
N ALA C 70 -15.05 3.60 7.53
CA ALA C 70 -16.26 3.45 8.33
C ALA C 70 -16.63 1.97 8.38
N PRO C 71 -16.75 1.41 9.60
CA PRO C 71 -17.10 -0.01 9.74
C PRO C 71 -18.42 -0.31 9.02
N VAL C 72 -19.38 0.61 9.17
CA VAL C 72 -20.68 0.51 8.51
C VAL C 72 -21.08 1.93 8.14
N ALA C 73 -22.16 2.07 7.36
CA ALA C 73 -22.62 3.37 6.95
C ALA C 73 -23.18 4.18 8.14
N GLY C 74 -23.00 5.49 8.10
CA GLY C 74 -23.50 6.32 9.19
C GLY C 74 -23.01 7.76 9.20
N GLU C 75 -23.03 8.38 10.38
CA GLU C 75 -22.59 9.75 10.52
C GLU C 75 -21.53 9.89 11.60
N ILE C 76 -20.45 10.60 11.28
CA ILE C 76 -19.39 10.81 12.26
C ILE C 76 -20.02 11.77 13.26
N VAL C 77 -20.21 11.31 14.49
CA VAL C 77 -20.85 12.14 15.50
C VAL C 77 -19.94 12.59 16.64
N GLU C 78 -18.67 12.20 16.60
CA GLU C 78 -17.73 12.61 17.62
C GLU C 78 -16.33 12.20 17.21
N VAL C 79 -15.34 12.93 17.69
CA VAL C 79 -13.96 12.64 17.35
C VAL C 79 -13.09 12.92 18.59
N ASN C 80 -12.13 12.03 18.83
CA ASN C 80 -11.25 12.14 19.99
C ASN C 80 -10.17 13.22 19.82
N LEU C 81 -10.33 14.32 20.53
CA LEU C 81 -9.37 15.42 20.44
C LEU C 81 -8.05 15.12 21.15
N ALA C 82 -8.08 14.22 22.13
CA ALA C 82 -6.88 13.88 22.87
C ALA C 82 -5.77 13.37 21.95
N LEU C 83 -6.14 12.90 20.76
CA LEU C 83 -5.18 12.39 19.79
C LEU C 83 -4.42 13.50 19.06
N GLU C 84 -4.94 14.73 19.11
CA GLU C 84 -4.29 15.85 18.44
C GLU C 84 -2.94 16.14 19.06
N LYS C 85 -2.84 16.00 20.38
CA LYS C 85 -1.59 16.26 21.10
C LYS C 85 -0.95 15.01 21.70
N THR C 86 -1.74 13.96 21.91
CA THR C 86 -1.20 12.72 22.46
C THR C 86 -1.57 11.57 21.52
N PRO C 87 -1.12 11.65 20.26
CA PRO C 87 -1.43 10.60 19.29
C PRO C 87 -0.86 9.23 19.65
N GLU C 88 0.11 9.18 20.53
CA GLU C 88 0.69 7.89 20.90
C GLU C 88 -0.31 7.04 21.70
N LEU C 89 -1.44 7.63 22.09
CA LEU C 89 -2.48 6.90 22.81
C LEU C 89 -2.97 5.72 21.98
N VAL C 90 -2.88 5.86 20.66
CA VAL C 90 -3.30 4.79 19.76
C VAL C 90 -2.46 3.54 19.99
N ASN C 91 -1.19 3.73 20.34
CA ASN C 91 -0.27 2.62 20.61
C ASN C 91 -0.45 2.11 22.04
N GLN C 92 -0.45 3.05 22.98
CA GLN C 92 -0.55 2.75 24.39
C GLN C 92 -1.88 2.19 24.87
N ASP C 93 -2.97 2.54 24.20
CA ASP C 93 -4.27 2.05 24.61
C ASP C 93 -5.24 2.12 23.44
N PRO C 94 -5.06 1.24 22.44
CA PRO C 94 -5.84 1.13 21.21
C PRO C 94 -7.33 0.93 21.39
N TYR C 95 -7.71 0.18 22.42
CA TYR C 95 -9.11 -0.10 22.68
C TYR C 95 -9.74 0.86 23.67
N GLY C 96 -8.92 1.59 24.41
CA GLY C 96 -9.43 2.54 25.38
C GLY C 96 -9.32 3.99 24.98
N GLU C 97 -8.44 4.72 25.66
CA GLU C 97 -8.22 6.12 25.38
C GLU C 97 -7.74 6.32 23.94
N GLY C 98 -7.47 5.23 23.24
CA GLY C 98 -6.98 5.33 21.87
C GLY C 98 -8.04 5.47 20.80
N TRP C 99 -9.32 5.41 21.18
CA TRP C 99 -10.40 5.52 20.20
C TRP C 99 -10.21 6.72 19.28
N ILE C 100 -10.74 6.62 18.06
CA ILE C 100 -10.57 7.70 17.10
C ILE C 100 -11.82 8.51 16.82
N PHE C 101 -12.95 7.87 16.60
CA PHE C 101 -14.18 8.61 16.35
C PHE C 101 -15.43 7.84 16.75
N ARG C 102 -16.56 8.54 16.78
CA ARG C 102 -17.83 7.92 17.10
C ARG C 102 -18.72 8.01 15.89
N LEU C 103 -19.42 6.93 15.63
CA LEU C 103 -20.28 6.85 14.47
C LEU C 103 -21.70 6.45 14.85
N LYS C 104 -22.66 7.04 14.17
CA LYS C 104 -24.06 6.70 14.40
C LYS C 104 -24.46 5.97 13.12
N PRO C 105 -24.45 4.64 13.17
CA PRO C 105 -24.80 3.82 12.01
C PRO C 105 -26.16 4.16 11.45
N ARG C 106 -26.29 4.16 10.13
CA ARG C 106 -27.56 4.45 9.53
C ARG C 106 -28.54 3.32 9.86
N ASP C 107 -27.99 2.20 10.34
CA ASP C 107 -28.79 1.04 10.73
C ASP C 107 -27.99 0.11 11.64
N MET C 108 -28.33 0.10 12.92
CA MET C 108 -27.65 -0.73 13.90
C MET C 108 -27.57 -2.19 13.50
N GLY C 109 -28.50 -2.63 12.66
CA GLY C 109 -28.50 -4.00 12.22
C GLY C 109 -27.29 -4.31 11.38
N ASP C 110 -26.65 -3.29 10.84
CA ASP C 110 -25.48 -3.48 9.99
C ASP C 110 -24.30 -4.12 10.72
N LEU C 111 -24.26 -3.95 12.04
CA LEU C 111 -23.17 -4.52 12.83
C LEU C 111 -23.16 -6.04 12.81
N ASP C 112 -24.31 -6.65 12.49
CA ASP C 112 -24.39 -8.10 12.46
C ASP C 112 -23.57 -8.63 11.29
N GLU C 113 -23.01 -7.74 10.50
CA GLU C 113 -22.22 -8.12 9.34
C GLU C 113 -20.73 -8.13 9.70
N LEU C 114 -20.43 -7.74 10.94
CA LEU C 114 -19.07 -7.68 11.42
C LEU C 114 -18.65 -8.94 12.16
N LEU C 115 -17.41 -8.95 12.63
CA LEU C 115 -16.87 -10.10 13.35
C LEU C 115 -16.79 -9.84 14.86
N ASP C 116 -16.94 -10.90 15.66
CA ASP C 116 -16.82 -10.74 17.11
C ASP C 116 -15.36 -11.01 17.43
N ALA C 117 -14.97 -10.93 18.70
CA ALA C 117 -13.58 -11.13 19.07
C ALA C 117 -13.03 -12.44 18.52
N GLY C 118 -13.82 -13.51 18.66
CA GLY C 118 -13.39 -14.80 18.17
C GLY C 118 -13.14 -14.79 16.68
N GLY C 119 -14.09 -14.23 15.93
CA GLY C 119 -13.96 -14.15 14.48
C GLY C 119 -12.65 -13.51 14.06
N TYR C 120 -12.41 -12.31 14.57
CA TYR C 120 -11.19 -11.58 14.26
C TYR C 120 -9.96 -12.42 14.51
N GLN C 121 -9.92 -13.11 15.64
CA GLN C 121 -8.76 -13.94 15.95
C GLN C 121 -8.60 -14.96 14.84
N GLU C 122 -9.73 -15.53 14.39
CA GLU C 122 -9.69 -16.53 13.33
C GLU C 122 -9.20 -15.94 12.01
N VAL C 123 -9.56 -14.68 11.75
CA VAL C 123 -9.12 -14.03 10.54
C VAL C 123 -7.60 -13.87 10.52
N LEU C 124 -7.03 -13.46 11.66
CA LEU C 124 -5.59 -13.27 11.76
C LEU C 124 -4.83 -14.59 11.59
N GLU C 125 -5.40 -15.66 12.14
CA GLU C 125 -4.80 -16.98 12.06
C GLU C 125 -4.88 -17.62 10.67
N SER C 126 -5.90 -17.25 9.89
CA SER C 126 -6.07 -17.78 8.54
C SER C 126 -5.01 -17.17 7.63
N GLU C 127 -4.46 -16.05 8.08
CA GLU C 127 -3.44 -15.31 7.34
C GLU C 127 -2.10 -16.04 7.40
N ALA C 128 -1.82 -16.82 6.37
CA ALA C 128 -0.59 -17.59 6.28
C ALA C 128 -0.45 -18.56 7.45
#